data_1YZ4
#
_entry.id   1YZ4
#
_cell.length_a   43.233
_cell.length_b   76.395
_cell.length_c   101.429
_cell.angle_alpha   90.00
_cell.angle_beta   90.00
_cell.angle_gamma   90.00
#
_symmetry.space_group_name_H-M   'P 21 21 21'
#
loop_
_entity.id
_entity.type
_entity.pdbx_description
1 polymer 'dual specificity phosphatase-like 15 isoform a'
2 non-polymer 'octyl beta-D-glucopyranoside'
3 non-polymer 'SULFATE ION'
4 water water
#
_entity_poly.entity_id   1
_entity_poly.type   'polypeptide(L)'
_entity_poly.pdbx_seq_one_letter_code
;GSHMGNGMTKVLPGLYLGNFIDAKDLDQLGRNKITHIISIHESPQPLLQDITYLRIPVADTPEVPIKKHFKECINFIHCC
RLNGGNCLVHSFAGISRSTTIVTAYVMTVTGLGWRDVLEAIKATRPIANPNPGFRQQLEEFGWASSQKLRRQLEERFGES
;
_entity_poly.pdbx_strand_id   A,B
#
# COMPACT_ATOMS: atom_id res chain seq x y z
N GLY A 1 -3.51 6.51 -39.12
CA GLY A 1 -2.87 7.48 -38.21
C GLY A 1 -3.49 7.39 -36.84
N SER A 2 -4.81 7.47 -36.78
CA SER A 2 -5.54 7.38 -35.53
C SER A 2 -5.76 5.91 -35.13
N HIS A 3 -4.89 5.43 -34.25
CA HIS A 3 -4.94 4.06 -33.75
C HIS A 3 -4.80 4.17 -32.24
N MET A 4 -5.55 3.37 -31.50
CA MET A 4 -5.49 3.44 -30.04
C MET A 4 -4.12 3.04 -29.53
N GLY A 5 -3.17 3.97 -29.63
CA GLY A 5 -1.82 3.71 -29.19
C GLY A 5 -0.94 4.95 -29.18
N ASN A 6 -1.39 5.99 -28.48
CA ASN A 6 -0.63 7.24 -28.38
C ASN A 6 -0.41 7.60 -26.92
N GLY A 7 0.54 6.91 -26.31
CA GLY A 7 0.84 7.15 -24.91
C GLY A 7 0.14 6.12 -24.06
N MET A 8 0.19 6.29 -22.75
CA MET A 8 -0.46 5.36 -21.86
C MET A 8 -1.93 5.25 -22.24
N THR A 9 -2.52 4.09 -21.97
CA THR A 9 -3.91 3.88 -22.31
C THR A 9 -4.76 3.83 -21.04
N LYS A 10 -5.87 4.54 -21.06
CA LYS A 10 -6.79 4.58 -19.92
C LYS A 10 -7.48 3.22 -19.84
N VAL A 11 -7.35 2.57 -18.69
CA VAL A 11 -7.95 1.26 -18.46
C VAL A 11 -9.23 1.41 -17.67
N LEU A 12 -9.25 2.43 -16.82
CA LEU A 12 -10.38 2.70 -15.95
C LEU A 12 -10.12 4.10 -15.38
N PRO A 13 -11.18 4.81 -15.00
CA PRO A 13 -10.98 6.16 -14.44
C PRO A 13 -9.91 6.04 -13.35
N GLY A 14 -8.84 6.83 -13.48
CA GLY A 14 -7.77 6.80 -12.49
C GLY A 14 -6.73 5.69 -12.67
N LEU A 15 -6.81 4.91 -13.74
CA LEU A 15 -5.84 3.82 -13.96
C LEU A 15 -5.33 3.75 -15.41
N TYR A 16 -4.02 3.67 -15.59
CA TYR A 16 -3.44 3.61 -16.92
C TYR A 16 -2.34 2.56 -17.10
N LEU A 17 -2.16 2.16 -18.36
CA LEU A 17 -1.14 1.19 -18.75
C LEU A 17 -0.15 1.88 -19.67
N GLY A 18 1.13 1.58 -19.51
CA GLY A 18 2.12 2.20 -20.37
C GLY A 18 3.46 1.49 -20.43
N ASN A 19 4.35 2.03 -21.24
CA ASN A 19 5.69 1.49 -21.44
C ASN A 19 6.69 2.47 -20.83
N PHE A 20 7.98 2.13 -20.91
CA PHE A 20 9.05 2.96 -20.35
C PHE A 20 9.07 4.40 -20.88
N ILE A 21 8.59 4.58 -22.11
CA ILE A 21 8.55 5.92 -22.70
C ILE A 21 7.43 6.75 -22.09
N ASP A 22 6.25 6.16 -21.91
CA ASP A 22 5.13 6.89 -21.31
C ASP A 22 5.46 7.29 -19.88
N ALA A 23 6.18 6.41 -19.18
CA ALA A 23 6.57 6.63 -17.79
C ALA A 23 7.43 7.88 -17.58
N LYS A 24 8.08 8.35 -18.64
CA LYS A 24 8.95 9.52 -18.58
C LYS A 24 8.36 10.72 -19.31
N ASP A 25 7.24 10.49 -20.00
CA ASP A 25 6.59 11.56 -20.75
C ASP A 25 5.88 12.55 -19.84
N LEU A 26 6.58 13.63 -19.48
CA LEU A 26 6.04 14.66 -18.60
C LEU A 26 4.73 15.24 -19.12
N ASP A 27 4.63 15.35 -20.43
CA ASP A 27 3.43 15.88 -21.05
C ASP A 27 2.25 14.93 -20.78
N GLN A 28 2.50 13.64 -20.97
CA GLN A 28 1.47 12.64 -20.73
C GLN A 28 1.11 12.60 -19.26
N LEU A 29 2.14 12.59 -18.42
CA LEU A 29 1.97 12.56 -16.98
C LEU A 29 1.11 13.71 -16.47
N GLY A 30 1.34 14.90 -17.04
CA GLY A 30 0.59 16.07 -16.62
C GLY A 30 -0.82 16.04 -17.18
N ARG A 31 -0.91 15.69 -18.46
CA ARG A 31 -2.20 15.61 -19.14
C ARG A 31 -3.14 14.69 -18.37
N ASN A 32 -2.65 13.52 -17.99
CA ASN A 32 -3.45 12.54 -17.25
C ASN A 32 -3.39 12.68 -15.73
N LYS A 33 -2.82 13.77 -15.25
CA LYS A 33 -2.72 14.03 -13.81
C LYS A 33 -2.26 12.80 -13.02
N ILE A 34 -1.29 12.07 -13.56
CA ILE A 34 -0.76 10.87 -12.90
C ILE A 34 -0.09 11.25 -11.58
N THR A 35 -0.57 10.66 -10.49
CA THR A 35 0.00 10.93 -9.17
C THR A 35 0.70 9.71 -8.58
N HIS A 36 0.45 8.56 -9.18
CA HIS A 36 1.04 7.31 -8.70
C HIS A 36 1.50 6.45 -9.86
N ILE A 37 2.57 5.72 -9.65
CA ILE A 37 3.12 4.86 -10.67
C ILE A 37 3.68 3.59 -10.06
N ILE A 38 3.47 2.48 -10.74
CA ILE A 38 4.00 1.22 -10.31
C ILE A 38 4.98 0.88 -11.41
N SER A 39 6.27 0.79 -11.06
CA SER A 39 7.28 0.46 -12.04
C SER A 39 7.67 -1.01 -11.88
N ILE A 40 7.43 -1.78 -12.93
CA ILE A 40 7.79 -3.19 -12.95
C ILE A 40 8.98 -3.29 -13.88
N HIS A 41 10.17 -3.12 -13.32
CA HIS A 41 11.40 -3.13 -14.09
C HIS A 41 12.46 -3.85 -13.27
N GLU A 42 13.36 -4.57 -13.92
CA GLU A 42 14.41 -5.31 -13.20
C GLU A 42 15.31 -4.42 -12.36
N SER A 43 15.57 -3.20 -12.83
CA SER A 43 16.46 -2.28 -12.11
C SER A 43 15.81 -0.96 -11.71
N PRO A 44 16.34 -0.33 -10.63
CA PRO A 44 15.84 0.95 -10.11
C PRO A 44 16.06 2.07 -11.13
N GLN A 45 15.11 3.00 -11.20
CA GLN A 45 15.22 4.11 -12.15
C GLN A 45 14.96 5.43 -11.45
N PRO A 46 15.58 6.52 -11.95
CA PRO A 46 15.38 7.83 -11.33
C PRO A 46 13.88 8.10 -11.24
N LEU A 47 13.42 8.55 -10.07
CA LEU A 47 12.01 8.82 -9.86
C LEU A 47 11.65 10.29 -10.03
N LEU A 48 10.56 10.56 -10.74
CA LEU A 48 10.09 11.92 -10.98
C LEU A 48 9.44 12.53 -9.75
N GLN A 49 9.67 13.81 -9.53
CA GLN A 49 9.11 14.51 -8.38
C GLN A 49 7.59 14.60 -8.42
N ASP A 50 7.00 14.63 -7.23
CA ASP A 50 5.56 14.75 -7.07
C ASP A 50 4.78 13.53 -7.55
N ILE A 51 5.43 12.37 -7.49
CA ILE A 51 4.79 11.12 -7.87
C ILE A 51 5.21 10.04 -6.86
N THR A 52 4.25 9.25 -6.43
CA THR A 52 4.53 8.18 -5.47
C THR A 52 4.76 6.89 -6.24
N TYR A 53 5.94 6.32 -6.07
CA TYR A 53 6.29 5.10 -6.77
C TYR A 53 6.22 3.84 -5.95
N LEU A 54 6.02 2.74 -6.66
CA LEU A 54 6.00 1.43 -6.07
C LEU A 54 6.91 0.67 -7.03
N ARG A 55 8.03 0.18 -6.53
CA ARG A 55 8.97 -0.55 -7.36
C ARG A 55 8.77 -2.06 -7.26
N ILE A 56 8.61 -2.69 -8.42
CA ILE A 56 8.41 -4.13 -8.53
C ILE A 56 9.47 -4.64 -9.51
N PRO A 57 10.61 -5.13 -8.98
CA PRO A 57 11.76 -5.65 -9.73
C PRO A 57 11.52 -7.03 -10.30
N VAL A 58 10.77 -7.11 -11.40
CA VAL A 58 10.45 -8.38 -12.01
C VAL A 58 10.70 -8.37 -13.51
N ALA A 59 11.28 -9.46 -14.01
CA ALA A 59 11.57 -9.60 -15.43
C ALA A 59 10.38 -10.22 -16.15
N ASP A 60 10.33 -10.09 -17.47
CA ASP A 60 9.23 -10.67 -18.23
C ASP A 60 9.54 -12.09 -18.71
N THR A 61 9.34 -13.07 -17.84
CA THR A 61 9.56 -14.47 -18.18
C THR A 61 8.43 -15.24 -17.51
N PRO A 62 7.89 -16.26 -18.19
CA PRO A 62 6.79 -17.05 -17.63
C PRO A 62 7.05 -17.77 -16.31
N GLU A 63 8.30 -17.85 -15.89
CA GLU A 63 8.62 -18.52 -14.64
C GLU A 63 8.62 -17.59 -13.42
N VAL A 64 8.66 -16.29 -13.68
CA VAL A 64 8.66 -15.31 -12.61
C VAL A 64 7.30 -15.22 -11.93
N PRO A 65 7.26 -15.39 -10.60
CA PRO A 65 6.00 -15.33 -9.86
C PRO A 65 5.53 -13.92 -9.53
N ILE A 66 5.07 -13.16 -10.54
CA ILE A 66 4.58 -11.79 -10.28
C ILE A 66 3.37 -11.86 -9.38
N LYS A 67 2.75 -13.03 -9.27
CA LYS A 67 1.57 -13.20 -8.44
C LYS A 67 1.87 -12.87 -6.99
N LYS A 68 3.15 -12.91 -6.63
CA LYS A 68 3.54 -12.59 -5.28
C LYS A 68 3.42 -11.09 -4.99
N HIS A 69 3.23 -10.30 -6.05
CA HIS A 69 3.10 -8.85 -5.88
C HIS A 69 1.69 -8.33 -6.17
N PHE A 70 0.77 -9.24 -6.50
CA PHE A 70 -0.61 -8.87 -6.79
C PHE A 70 -1.31 -8.09 -5.67
N LYS A 71 -1.24 -8.64 -4.45
CA LYS A 71 -1.89 -8.02 -3.31
C LYS A 71 -1.44 -6.58 -3.09
N GLU A 72 -0.13 -6.40 -2.94
CA GLU A 72 0.40 -5.08 -2.69
C GLU A 72 0.12 -4.09 -3.84
N CYS A 73 0.18 -4.55 -5.09
CA CYS A 73 -0.08 -3.66 -6.22
C CYS A 73 -1.54 -3.24 -6.25
N ILE A 74 -2.44 -4.20 -6.05
CA ILE A 74 -3.85 -3.91 -6.06
C ILE A 74 -4.23 -2.96 -4.91
N ASN A 75 -3.56 -3.09 -3.78
CA ASN A 75 -3.85 -2.23 -2.64
C ASN A 75 -3.35 -0.83 -2.92
N PHE A 76 -2.20 -0.75 -3.57
CA PHE A 76 -1.59 0.53 -3.92
C PHE A 76 -2.55 1.25 -4.88
N ILE A 77 -2.91 0.58 -5.97
CA ILE A 77 -3.81 1.16 -6.96
C ILE A 77 -5.14 1.61 -6.40
N HIS A 78 -5.77 0.75 -5.61
CA HIS A 78 -7.06 1.07 -5.03
C HIS A 78 -6.99 2.31 -4.15
N CYS A 79 -6.02 2.33 -3.24
CA CYS A 79 -5.84 3.46 -2.34
C CYS A 79 -5.72 4.75 -3.16
N CYS A 80 -4.90 4.69 -4.20
CA CYS A 80 -4.71 5.84 -5.07
C CYS A 80 -6.03 6.29 -5.72
N ARG A 81 -6.76 5.35 -6.30
CA ARG A 81 -8.02 5.69 -6.97
C ARG A 81 -9.09 6.26 -6.04
N LEU A 82 -9.38 5.56 -4.95
CA LEU A 82 -10.42 6.01 -4.04
C LEU A 82 -10.06 7.28 -3.27
N ASN A 83 -8.80 7.71 -3.40
CA ASN A 83 -8.36 8.93 -2.72
C ASN A 83 -8.10 10.06 -3.72
N GLY A 84 -8.72 9.95 -4.90
CA GLY A 84 -8.60 10.99 -5.92
C GLY A 84 -7.32 11.12 -6.72
N GLY A 85 -6.54 10.04 -6.84
CA GLY A 85 -5.32 10.11 -7.61
C GLY A 85 -5.44 9.41 -8.95
N ASN A 86 -4.31 9.23 -9.64
CA ASN A 86 -4.29 8.55 -10.92
C ASN A 86 -3.05 7.67 -10.97
N CYS A 87 -3.25 6.39 -11.23
CA CYS A 87 -2.13 5.47 -11.26
C CYS A 87 -1.76 4.92 -12.63
N LEU A 88 -0.47 5.02 -12.94
CA LEU A 88 0.05 4.49 -14.19
C LEU A 88 0.90 3.27 -13.88
N VAL A 89 0.52 2.11 -14.42
CA VAL A 89 1.32 0.91 -14.21
C VAL A 89 2.07 0.69 -15.53
N HIS A 90 3.39 0.52 -15.45
CA HIS A 90 4.17 0.32 -16.66
C HIS A 90 5.29 -0.71 -16.55
N SER A 91 5.66 -1.24 -17.72
CA SER A 91 6.75 -2.20 -17.87
C SER A 91 7.38 -1.78 -19.20
N PHE A 92 8.65 -2.14 -19.41
CA PHE A 92 9.37 -1.71 -20.60
C PHE A 92 8.68 -1.67 -21.96
N ALA A 93 8.20 -2.82 -22.43
CA ALA A 93 7.54 -2.89 -23.72
C ALA A 93 6.07 -2.51 -23.69
N GLY A 94 5.50 -2.46 -22.48
CA GLY A 94 4.10 -2.13 -22.36
C GLY A 94 3.27 -3.28 -22.90
N ILE A 95 3.78 -4.50 -22.79
CA ILE A 95 3.07 -5.66 -23.30
C ILE A 95 2.51 -6.66 -22.28
N SER A 96 3.40 -7.31 -21.52
CA SER A 96 2.91 -8.33 -20.59
C SER A 96 2.92 -8.08 -19.08
N ARG A 97 4.02 -7.57 -18.53
CA ARG A 97 4.12 -7.33 -17.08
C ARG A 97 3.11 -6.34 -16.48
N SER A 98 3.03 -5.13 -17.04
CA SER A 98 2.09 -4.14 -16.53
C SER A 98 0.66 -4.61 -16.76
N THR A 99 0.46 -5.30 -17.88
CA THR A 99 -0.85 -5.82 -18.26
C THR A 99 -1.35 -6.83 -17.25
N THR A 100 -0.46 -7.68 -16.79
CA THR A 100 -0.80 -8.72 -15.82
C THR A 100 -1.26 -8.11 -14.49
N ILE A 101 -0.53 -7.12 -14.00
CA ILE A 101 -0.89 -6.46 -12.76
C ILE A 101 -2.24 -5.76 -12.88
N VAL A 102 -2.46 -5.02 -13.96
CA VAL A 102 -3.74 -4.32 -14.12
C VAL A 102 -4.93 -5.29 -14.28
N THR A 103 -4.72 -6.41 -14.97
CA THR A 103 -5.78 -7.39 -15.18
C THR A 103 -6.22 -7.94 -13.83
N ALA A 104 -5.23 -8.27 -13.00
CA ALA A 104 -5.50 -8.79 -11.67
C ALA A 104 -6.34 -7.78 -10.88
N TYR A 105 -6.02 -6.50 -11.02
CA TYR A 105 -6.75 -5.45 -10.31
C TYR A 105 -8.21 -5.40 -10.76
N VAL A 106 -8.41 -5.33 -12.07
CA VAL A 106 -9.75 -5.24 -12.63
C VAL A 106 -10.54 -6.50 -12.31
N MET A 107 -9.87 -7.64 -12.24
CA MET A 107 -10.57 -8.87 -11.91
C MET A 107 -11.19 -8.74 -10.51
N THR A 108 -10.39 -8.26 -9.55
CA THR A 108 -10.90 -8.14 -8.19
C THR A 108 -12.01 -7.09 -8.02
N VAL A 109 -11.90 -5.94 -8.67
CA VAL A 109 -12.95 -4.93 -8.52
C VAL A 109 -14.22 -5.20 -9.33
N THR A 110 -14.13 -6.08 -10.32
CA THR A 110 -15.30 -6.41 -11.14
C THR A 110 -15.83 -7.82 -10.88
N GLY A 111 -14.96 -8.68 -10.35
CA GLY A 111 -15.37 -10.05 -10.07
C GLY A 111 -15.37 -10.91 -11.32
N LEU A 112 -14.89 -10.35 -12.43
CA LEU A 112 -14.85 -11.03 -13.72
C LEU A 112 -13.54 -11.80 -13.94
N GLY A 113 -13.60 -12.83 -14.79
CA GLY A 113 -12.42 -13.64 -15.10
C GLY A 113 -11.34 -12.94 -15.91
N TRP A 114 -10.12 -13.47 -15.88
CA TRP A 114 -9.03 -12.84 -16.59
C TRP A 114 -9.18 -12.78 -18.11
N ARG A 115 -9.90 -13.74 -18.69
CA ARG A 115 -10.07 -13.70 -20.14
C ARG A 115 -10.96 -12.55 -20.55
N ASP A 116 -12.11 -12.39 -19.91
CA ASP A 116 -13.01 -11.30 -20.24
C ASP A 116 -12.30 -9.98 -19.95
N VAL A 117 -11.57 -9.92 -18.84
CA VAL A 117 -10.87 -8.69 -18.47
C VAL A 117 -9.78 -8.35 -19.50
N LEU A 118 -8.97 -9.35 -19.85
CA LEU A 118 -7.90 -9.16 -20.82
C LEU A 118 -8.49 -8.70 -22.16
N GLU A 119 -9.55 -9.37 -22.59
CA GLU A 119 -10.20 -9.03 -23.85
C GLU A 119 -10.75 -7.61 -23.80
N ALA A 120 -11.23 -7.21 -22.63
CA ALA A 120 -11.77 -5.87 -22.47
C ALA A 120 -10.63 -4.86 -22.53
N ILE A 121 -9.48 -5.24 -21.95
CA ILE A 121 -8.32 -4.36 -21.97
C ILE A 121 -7.79 -4.22 -23.39
N LYS A 122 -7.76 -5.33 -24.13
CA LYS A 122 -7.28 -5.32 -25.51
C LYS A 122 -8.04 -4.32 -26.38
N ALA A 123 -9.33 -4.15 -26.08
CA ALA A 123 -10.16 -3.23 -26.85
C ALA A 123 -9.58 -1.81 -26.82
N THR A 124 -8.94 -1.46 -25.71
CA THR A 124 -8.35 -0.14 -25.54
C THR A 124 -6.83 -0.18 -25.57
N ARG A 125 -6.27 -1.30 -26.00
CA ARG A 125 -4.83 -1.48 -26.06
C ARG A 125 -4.57 -2.86 -26.64
N PRO A 126 -4.70 -2.99 -27.97
CA PRO A 126 -4.52 -4.24 -28.73
C PRO A 126 -3.16 -4.92 -28.62
N ILE A 127 -2.17 -4.25 -28.06
CA ILE A 127 -0.85 -4.87 -27.91
C ILE A 127 -0.84 -5.70 -26.64
N ALA A 128 -1.78 -5.43 -25.74
CA ALA A 128 -1.89 -6.13 -24.46
C ALA A 128 -1.72 -7.64 -24.61
N ASN A 129 -0.74 -8.19 -23.91
CA ASN A 129 -0.51 -9.62 -24.01
C ASN A 129 0.44 -10.16 -22.94
N PRO A 130 -0.11 -10.63 -21.81
CA PRO A 130 0.76 -11.17 -20.77
C PRO A 130 1.34 -12.51 -21.23
N ASN A 131 2.57 -12.81 -20.83
CA ASN A 131 3.19 -14.07 -21.24
C ASN A 131 2.42 -15.28 -20.71
N PRO A 132 2.58 -16.44 -21.37
CA PRO A 132 1.89 -17.68 -20.98
C PRO A 132 1.90 -17.99 -19.48
N GLY A 133 3.04 -17.77 -18.83
CA GLY A 133 3.14 -18.04 -17.41
C GLY A 133 2.31 -17.10 -16.55
N PHE A 134 2.26 -15.84 -16.94
CA PHE A 134 1.50 -14.86 -16.18
C PHE A 134 -0.01 -15.11 -16.33
N ARG A 135 -0.40 -15.70 -17.46
CA ARG A 135 -1.80 -15.99 -17.70
C ARG A 135 -2.28 -17.08 -16.76
N GLN A 136 -1.39 -18.05 -16.48
CA GLN A 136 -1.71 -19.15 -15.58
C GLN A 136 -1.84 -18.60 -14.17
N GLN A 137 -0.91 -17.71 -13.82
CA GLN A 137 -0.90 -17.08 -12.52
C GLN A 137 -2.19 -16.25 -12.39
N LEU A 138 -2.65 -15.69 -13.49
CA LEU A 138 -3.90 -14.93 -13.48
C LEU A 138 -5.05 -15.92 -13.25
N GLU A 139 -4.91 -17.10 -13.83
CA GLU A 139 -5.91 -18.15 -13.68
C GLU A 139 -6.07 -18.47 -12.19
N GLU A 140 -4.94 -18.72 -11.53
CA GLU A 140 -4.92 -19.03 -10.10
C GLU A 140 -5.62 -17.91 -9.35
N PHE A 141 -5.08 -16.71 -9.48
CA PHE A 141 -5.59 -15.53 -8.80
C PHE A 141 -7.10 -15.40 -8.93
N GLY A 142 -7.62 -15.67 -10.12
CA GLY A 142 -9.05 -15.57 -10.32
C GLY A 142 -9.82 -16.54 -9.44
N TRP A 143 -9.33 -17.77 -9.36
CA TRP A 143 -9.98 -18.79 -8.56
C TRP A 143 -9.83 -18.56 -7.06
N ALA A 144 -8.59 -18.34 -6.63
CA ALA A 144 -8.29 -18.17 -5.21
C ALA A 144 -8.46 -16.81 -4.54
N SER A 145 -7.51 -15.92 -4.80
CA SER A 145 -7.46 -14.62 -4.18
C SER A 145 -8.38 -13.47 -4.59
N SER A 146 -8.76 -13.41 -5.86
CA SER A 146 -9.60 -12.33 -6.36
C SER A 146 -10.73 -11.87 -5.43
N GLN A 147 -11.71 -12.73 -5.21
CA GLN A 147 -12.86 -12.41 -4.36
C GLN A 147 -12.48 -11.99 -2.92
N LYS A 148 -11.54 -12.69 -2.32
CA LYS A 148 -11.12 -12.39 -0.96
C LYS A 148 -10.54 -10.98 -0.91
N LEU A 149 -9.76 -10.65 -1.92
CA LEU A 149 -9.16 -9.33 -1.98
C LEU A 149 -10.22 -8.25 -2.12
N ARG A 150 -11.25 -8.49 -2.94
CA ARG A 150 -12.29 -7.48 -3.11
C ARG A 150 -12.90 -7.13 -1.74
N ARG A 151 -13.24 -8.16 -0.96
CA ARG A 151 -13.81 -7.95 0.35
C ARG A 151 -12.80 -7.20 1.24
N GLN A 152 -11.53 -7.59 1.13
CA GLN A 152 -10.46 -6.95 1.91
C GLN A 152 -10.35 -5.46 1.62
N LEU A 153 -10.33 -5.10 0.33
CA LEU A 153 -10.22 -3.71 -0.07
C LEU A 153 -11.37 -2.87 0.50
N GLU A 154 -12.56 -3.47 0.55
CA GLU A 154 -13.73 -2.80 1.07
C GLU A 154 -13.47 -2.47 2.55
N GLU A 155 -12.82 -3.40 3.24
CA GLU A 155 -12.52 -3.22 4.65
C GLU A 155 -11.46 -2.15 4.87
N ARG A 156 -10.35 -2.25 4.14
CA ARG A 156 -9.27 -1.28 4.26
C ARG A 156 -9.59 0.14 3.81
N PHE A 157 -10.30 0.28 2.70
CA PHE A 157 -10.59 1.62 2.19
C PHE A 157 -12.06 1.97 2.07
N GLY A 158 -12.94 1.01 2.35
CA GLY A 158 -14.36 1.29 2.23
C GLY A 158 -14.83 1.05 0.81
N GLU A 159 -16.13 1.13 0.58
CA GLU A 159 -16.70 0.90 -0.76
C GLU A 159 -16.93 2.20 -1.53
N GLY B 5 -1.62 17.75 28.07
CA GLY B 5 -1.57 17.76 26.58
C GLY B 5 -1.52 16.35 26.03
N ASN B 6 -2.43 15.52 26.51
CA ASN B 6 -2.50 14.12 26.09
C ASN B 6 -2.95 13.97 24.63
N GLY B 7 -2.27 14.68 23.73
CA GLY B 7 -2.59 14.58 22.33
C GLY B 7 -1.75 13.46 21.73
N MET B 8 -1.73 13.35 20.41
CA MET B 8 -0.96 12.30 19.76
C MET B 8 0.54 12.43 20.04
N THR B 9 1.14 11.28 20.34
CA THR B 9 2.54 11.16 20.67
C THR B 9 3.41 11.07 19.42
N LYS B 10 4.45 11.90 19.35
CA LYS B 10 5.33 11.83 18.20
C LYS B 10 6.30 10.69 18.45
N VAL B 11 6.38 9.73 17.53
CA VAL B 11 7.26 8.59 17.69
C VAL B 11 8.57 8.75 16.91
N LEU B 12 8.45 9.07 15.64
CA LEU B 12 9.59 9.29 14.75
C LEU B 12 9.16 10.43 13.84
N PRO B 13 10.11 11.10 13.18
CA PRO B 13 9.60 12.16 12.33
C PRO B 13 8.54 11.54 11.42
N GLY B 14 7.45 12.26 11.16
CA GLY B 14 6.41 11.73 10.30
C GLY B 14 5.62 10.54 10.83
N LEU B 15 5.67 10.29 12.13
CA LEU B 15 4.94 9.16 12.70
C LEU B 15 4.40 9.45 14.11
N TYR B 16 3.07 9.39 14.25
CA TYR B 16 2.43 9.64 15.55
C TYR B 16 1.55 8.50 16.01
N LEU B 17 1.36 8.43 17.33
CA LEU B 17 0.54 7.40 17.97
C LEU B 17 -0.52 8.12 18.82
N GLY B 18 -1.79 7.79 18.61
CA GLY B 18 -2.84 8.44 19.40
C GLY B 18 -4.15 7.69 19.57
N ASN B 19 -5.16 8.37 20.11
CA ASN B 19 -6.47 7.78 20.34
C ASN B 19 -7.54 8.28 19.35
N PHE B 20 -8.78 7.88 19.57
CA PHE B 20 -9.88 8.29 18.69
C PHE B 20 -10.13 9.80 18.78
N ILE B 21 -9.79 10.41 19.91
CA ILE B 21 -9.98 11.85 20.08
C ILE B 21 -9.02 12.55 19.14
N ASP B 22 -7.75 12.12 19.18
CA ASP B 22 -6.74 12.69 18.31
C ASP B 22 -7.12 12.51 16.84
N ALA B 23 -7.60 11.32 16.50
CA ALA B 23 -7.98 11.00 15.12
C ALA B 23 -8.97 12.00 14.52
N LYS B 24 -9.67 12.73 15.38
CA LYS B 24 -10.64 13.72 14.92
C LYS B 24 -10.29 15.14 15.28
N ASP B 25 -9.20 15.34 16.01
CA ASP B 25 -8.77 16.66 16.43
C ASP B 25 -8.20 17.44 15.24
N LEU B 26 -9.07 18.07 14.46
CA LEU B 26 -8.62 18.81 13.29
C LEU B 26 -7.51 19.80 13.60
N ASP B 27 -7.48 20.27 14.84
CA ASP B 27 -6.45 21.22 15.23
C ASP B 27 -5.10 20.52 15.24
N GLN B 28 -5.05 19.34 15.84
CA GLN B 28 -3.81 18.57 15.91
C GLN B 28 -3.42 18.10 14.51
N LEU B 29 -4.40 17.55 13.80
CA LEU B 29 -4.18 17.04 12.45
C LEU B 29 -3.52 18.12 11.60
N GLY B 30 -3.98 19.35 11.79
CA GLY B 30 -3.46 20.47 11.05
C GLY B 30 -2.04 20.85 11.45
N ARG B 31 -1.81 21.03 12.74
CA ARG B 31 -0.49 21.39 13.25
C ARG B 31 0.54 20.33 12.85
N ASN B 32 0.21 19.07 13.09
CA ASN B 32 1.14 17.98 12.78
C ASN B 32 1.14 17.56 11.32
N LYS B 33 0.35 18.26 10.51
CA LYS B 33 0.26 17.99 9.09
C LYS B 33 0.11 16.49 8.77
N ILE B 34 -0.90 15.88 9.36
CA ILE B 34 -1.21 14.47 9.15
C ILE B 34 -1.76 14.30 7.74
N THR B 35 -1.13 13.44 6.96
CA THR B 35 -1.55 13.18 5.59
C THR B 35 -2.08 11.76 5.48
N HIS B 36 -1.69 10.92 6.44
CA HIS B 36 -2.08 9.52 6.45
C HIS B 36 -2.53 9.05 7.82
N ILE B 37 -3.54 8.20 7.84
CA ILE B 37 -4.06 7.68 9.08
C ILE B 37 -4.36 6.18 9.00
N ILE B 38 -3.95 5.46 10.05
CA ILE B 38 -4.22 4.04 10.17
C ILE B 38 -5.14 3.91 11.38
N SER B 39 -6.42 3.66 11.16
CA SER B 39 -7.35 3.52 12.27
C SER B 39 -7.64 2.06 12.54
N ILE B 40 -7.23 1.63 13.73
CA ILE B 40 -7.40 0.27 14.16
C ILE B 40 -8.62 0.19 15.06
N HIS B 41 -9.79 0.26 14.43
CA HIS B 41 -11.09 0.19 15.11
C HIS B 41 -11.97 -0.79 14.34
N GLU B 42 -13.01 -1.28 15.00
CA GLU B 42 -13.94 -2.21 14.35
C GLU B 42 -15.06 -1.39 13.75
N SER B 43 -15.18 -0.15 14.21
CA SER B 43 -16.22 0.74 13.74
C SER B 43 -15.79 1.48 12.47
N PRO B 44 -16.77 1.96 11.68
CA PRO B 44 -16.55 2.69 10.42
C PRO B 44 -15.48 3.78 10.54
N GLN B 45 -14.79 4.01 9.42
CA GLN B 45 -13.74 5.00 9.36
C GLN B 45 -14.29 6.35 8.89
N PRO B 46 -14.49 7.28 9.84
CA PRO B 46 -15.00 8.61 9.51
C PRO B 46 -13.93 9.37 8.73
N LEU B 47 -14.06 9.39 7.41
CA LEU B 47 -13.09 10.04 6.56
C LEU B 47 -12.99 11.57 6.72
N LEU B 48 -11.87 12.10 6.24
CA LEU B 48 -11.57 13.53 6.25
C LEU B 48 -10.83 13.85 4.96
N GLN B 49 -11.19 14.97 4.33
CA GLN B 49 -10.57 15.35 3.07
C GLN B 49 -9.07 15.60 3.18
N ASP B 50 -8.34 15.18 2.14
CA ASP B 50 -6.89 15.37 2.07
C ASP B 50 -6.09 14.41 2.95
N ILE B 51 -6.75 13.40 3.49
CA ILE B 51 -6.08 12.42 4.33
C ILE B 51 -6.34 11.02 3.82
N THR B 52 -5.27 10.25 3.64
CA THR B 52 -5.39 8.89 3.13
C THR B 52 -5.49 7.91 4.31
N TYR B 53 -6.55 7.10 4.29
CA TYR B 53 -6.80 6.14 5.38
C TYR B 53 -6.56 4.67 5.05
N LEU B 54 -6.26 3.92 6.11
CA LEU B 54 -6.05 2.48 6.04
C LEU B 54 -6.80 1.92 7.24
N ARG B 55 -7.93 1.26 7.01
CA ARG B 55 -8.71 0.69 8.11
C ARG B 55 -8.36 -0.74 8.45
N ILE B 56 -8.05 -1.00 9.72
CA ILE B 56 -7.71 -2.34 10.18
C ILE B 56 -8.73 -2.77 11.23
N PRO B 57 -9.78 -3.49 10.82
CA PRO B 57 -10.86 -3.98 11.68
C PRO B 57 -10.45 -5.09 12.64
N VAL B 58 -9.91 -4.72 13.80
CA VAL B 58 -9.53 -5.71 14.79
C VAL B 58 -9.83 -5.25 16.20
N ALA B 59 -10.27 -6.18 17.02
CA ALA B 59 -10.58 -5.90 18.40
C ALA B 59 -9.27 -5.99 19.20
N ASP B 60 -9.35 -5.74 20.49
CA ASP B 60 -8.15 -5.79 21.31
C ASP B 60 -8.19 -6.92 22.35
N THR B 61 -7.91 -8.14 21.90
CA THR B 61 -7.85 -9.29 22.80
C THR B 61 -6.60 -10.09 22.41
N PRO B 62 -5.98 -10.80 23.35
CA PRO B 62 -4.77 -11.59 23.08
C PRO B 62 -4.93 -12.68 22.03
N GLU B 63 -6.13 -12.81 21.48
CA GLU B 63 -6.42 -13.81 20.47
C GLU B 63 -6.39 -13.19 19.06
N VAL B 64 -6.41 -11.86 19.02
CA VAL B 64 -6.40 -11.14 17.74
C VAL B 64 -5.01 -11.20 17.11
N PRO B 65 -4.91 -11.78 15.91
CA PRO B 65 -3.62 -11.89 15.25
C PRO B 65 -3.23 -10.62 14.49
N ILE B 66 -3.04 -9.50 15.22
CA ILE B 66 -2.66 -8.23 14.58
C ILE B 66 -1.46 -8.39 13.67
N LYS B 67 -0.65 -9.41 13.94
CA LYS B 67 0.55 -9.68 13.16
C LYS B 67 0.23 -9.80 11.67
N LYS B 68 -0.95 -10.32 11.37
CA LYS B 68 -1.35 -10.49 9.98
C LYS B 68 -1.38 -9.14 9.23
N HIS B 69 -1.60 -8.05 9.96
CA HIS B 69 -1.66 -6.72 9.35
C HIS B 69 -0.34 -5.94 9.47
N PHE B 70 0.65 -6.56 10.09
CA PHE B 70 1.96 -5.92 10.25
C PHE B 70 2.56 -5.44 8.92
N LYS B 71 2.59 -6.32 7.92
CA LYS B 71 3.16 -5.98 6.63
C LYS B 71 2.46 -4.79 5.96
N GLU B 72 1.14 -4.87 5.81
CA GLU B 72 0.38 -3.79 5.19
C GLU B 72 0.71 -2.46 5.83
N CYS B 73 0.46 -2.40 7.14
CA CYS B 73 0.69 -1.20 7.92
C CYS B 73 2.11 -0.62 7.79
N ILE B 74 3.12 -1.48 7.81
CA ILE B 74 4.48 -0.99 7.70
C ILE B 74 4.77 -0.44 6.30
N ASN B 75 4.16 -1.04 5.29
CA ASN B 75 4.34 -0.57 3.92
C ASN B 75 3.62 0.76 3.77
N PHE B 76 2.43 0.83 4.36
CA PHE B 76 1.62 2.04 4.30
C PHE B 76 2.38 3.20 4.95
N ILE B 77 2.93 2.95 6.14
CA ILE B 77 3.67 3.97 6.87
C ILE B 77 4.97 4.39 6.18
N HIS B 78 5.73 3.42 5.72
CA HIS B 78 7.00 3.72 5.07
C HIS B 78 6.80 4.56 3.83
N CYS B 79 5.83 4.15 2.99
CA CYS B 79 5.49 4.86 1.76
C CYS B 79 5.15 6.31 2.09
N CYS B 80 4.29 6.52 3.08
CA CYS B 80 3.92 7.89 3.47
C CYS B 80 5.16 8.70 3.90
N ARG B 81 5.90 8.17 4.87
CA ARG B 81 7.08 8.85 5.39
C ARG B 81 8.13 9.13 4.33
N LEU B 82 8.34 8.17 3.44
CA LEU B 82 9.33 8.33 2.39
C LEU B 82 8.90 9.34 1.33
N ASN B 83 7.62 9.68 1.29
CA ASN B 83 7.16 10.65 0.30
C ASN B 83 6.69 11.94 0.96
N GLY B 84 7.39 12.34 2.01
CA GLY B 84 7.09 13.58 2.72
C GLY B 84 5.82 13.67 3.54
N GLY B 85 5.16 12.55 3.79
CA GLY B 85 3.93 12.60 4.57
C GLY B 85 4.13 12.41 6.07
N ASN B 86 3.02 12.52 6.80
CA ASN B 86 3.03 12.35 8.24
C ASN B 86 1.89 11.41 8.56
N CYS B 87 2.22 10.27 9.14
CA CYS B 87 1.21 9.28 9.45
C CYS B 87 0.87 9.14 10.94
N LEU B 88 -0.42 9.12 11.22
CA LEU B 88 -0.89 8.95 12.59
C LEU B 88 -1.53 7.57 12.69
N VAL B 89 -1.07 6.78 13.66
CA VAL B 89 -1.62 5.44 13.90
C VAL B 89 -2.41 5.53 15.20
N HIS B 90 -3.67 5.13 15.17
CA HIS B 90 -4.50 5.21 16.37
C HIS B 90 -5.53 4.11 16.57
N SER B 91 -5.86 3.86 17.84
CA SER B 91 -6.87 2.89 18.25
C SER B 91 -7.72 3.66 19.27
N PHE B 92 -8.70 3.01 19.88
CA PHE B 92 -9.56 3.69 20.85
C PHE B 92 -8.85 4.54 21.89
N ALA B 93 -7.94 3.94 22.65
CA ALA B 93 -7.23 4.69 23.68
C ALA B 93 -5.75 4.93 23.38
N GLY B 94 -5.31 4.53 22.19
CA GLY B 94 -3.90 4.69 21.86
C GLY B 94 -3.05 3.92 22.87
N ILE B 95 -3.58 2.82 23.38
CA ILE B 95 -2.87 2.01 24.37
C ILE B 95 -2.34 0.67 23.87
N SER B 96 -3.23 -0.15 23.29
CA SER B 96 -2.82 -1.48 22.85
C SER B 96 -2.62 -1.72 21.34
N ARG B 97 -3.71 -1.69 20.58
CA ARG B 97 -3.61 -1.93 19.13
C ARG B 97 -2.68 -0.97 18.40
N SER B 98 -2.97 0.33 18.47
CA SER B 98 -2.12 1.28 17.75
C SER B 98 -0.66 1.15 18.20
N THR B 99 -0.45 1.01 19.51
CA THR B 99 0.90 0.85 20.05
C THR B 99 1.61 -0.35 19.42
N THR B 100 0.91 -1.48 19.30
CA THR B 100 1.51 -2.66 18.70
C THR B 100 2.02 -2.44 17.27
N ILE B 101 1.20 -1.82 16.41
CA ILE B 101 1.62 -1.57 15.03
C ILE B 101 2.78 -0.58 14.93
N VAL B 102 2.76 0.47 15.74
CA VAL B 102 3.83 1.45 15.72
C VAL B 102 5.14 0.82 16.19
N THR B 103 5.06 -0.04 17.20
CA THR B 103 6.26 -0.71 17.70
C THR B 103 6.84 -1.56 16.58
N ALA B 104 5.96 -2.29 15.90
CA ALA B 104 6.36 -3.16 14.79
C ALA B 104 7.08 -2.35 13.72
N TYR B 105 6.57 -1.17 13.41
CA TYR B 105 7.24 -0.34 12.40
C TYR B 105 8.61 0.09 12.89
N VAL B 106 8.66 0.63 14.10
CA VAL B 106 9.92 1.10 14.66
C VAL B 106 10.97 -0.01 14.70
N MET B 107 10.55 -1.22 15.09
CA MET B 107 11.46 -2.34 15.14
C MET B 107 12.08 -2.53 13.77
N THR B 108 11.22 -2.65 12.76
CA THR B 108 11.67 -2.87 11.40
C THR B 108 12.61 -1.81 10.83
N VAL B 109 12.39 -0.54 11.17
CA VAL B 109 13.25 0.49 10.61
C VAL B 109 14.46 0.90 11.48
N THR B 110 14.48 0.48 12.74
CA THR B 110 15.61 0.81 13.62
C THR B 110 16.44 -0.43 13.92
N GLY B 111 15.79 -1.59 13.92
CA GLY B 111 16.49 -2.84 14.21
C GLY B 111 16.44 -3.17 15.69
N LEU B 112 15.84 -2.27 16.47
CA LEU B 112 15.71 -2.43 17.91
C LEU B 112 14.69 -3.50 18.29
N GLY B 113 14.92 -4.15 19.44
CA GLY B 113 13.99 -5.16 19.92
C GLY B 113 12.71 -4.50 20.41
N TRP B 114 11.61 -5.24 20.41
CA TRP B 114 10.34 -4.66 20.83
C TRP B 114 10.36 -4.03 22.23
N ARG B 115 11.07 -4.67 23.16
CA ARG B 115 11.13 -4.15 24.53
C ARG B 115 11.79 -2.78 24.62
N ASP B 116 12.89 -2.58 23.90
CA ASP B 116 13.54 -1.27 23.91
C ASP B 116 12.59 -0.23 23.28
N VAL B 117 11.97 -0.59 22.16
CA VAL B 117 11.05 0.33 21.49
C VAL B 117 9.86 0.71 22.34
N LEU B 118 9.19 -0.30 22.89
CA LEU B 118 8.02 -0.05 23.71
C LEU B 118 8.42 0.85 24.87
N GLU B 119 9.52 0.47 25.53
CA GLU B 119 10.03 1.22 26.67
C GLU B 119 10.23 2.69 26.31
N ALA B 120 10.87 2.93 25.16
CA ALA B 120 11.11 4.30 24.71
C ALA B 120 9.79 5.02 24.46
N ILE B 121 8.83 4.31 23.87
CA ILE B 121 7.53 4.90 23.61
C ILE B 121 6.85 5.29 24.93
N LYS B 122 6.94 4.40 25.92
CA LYS B 122 6.33 4.65 27.22
C LYS B 122 6.94 5.85 27.92
N ALA B 123 8.15 6.24 27.50
CA ALA B 123 8.80 7.40 28.09
C ALA B 123 7.98 8.65 27.80
N THR B 124 7.31 8.69 26.65
CA THR B 124 6.48 9.84 26.29
C THR B 124 4.99 9.52 26.42
N ARG B 125 4.60 8.29 26.09
CA ARG B 125 3.20 7.89 26.21
C ARG B 125 3.17 6.67 27.14
N PRO B 126 3.32 6.89 28.45
CA PRO B 126 3.32 5.84 29.47
C PRO B 126 2.12 4.89 29.50
N ILE B 127 0.99 5.31 28.97
CA ILE B 127 -0.19 4.43 28.96
C ILE B 127 -0.04 3.39 27.86
N ALA B 128 0.97 3.57 27.01
CA ALA B 128 1.20 2.62 25.93
C ALA B 128 1.42 1.26 26.55
N ASN B 129 0.65 0.28 26.11
CA ASN B 129 0.76 -1.06 26.65
C ASN B 129 -0.09 -2.08 25.90
N PRO B 130 0.50 -2.76 24.92
CA PRO B 130 -0.24 -3.77 24.15
C PRO B 130 -0.55 -4.99 25.01
N ASN B 131 -1.70 -5.64 24.76
CA ASN B 131 -2.10 -6.80 25.52
C ASN B 131 -1.08 -7.95 25.46
N PRO B 132 -1.21 -8.94 26.37
CA PRO B 132 -0.31 -10.09 26.43
C PRO B 132 -0.07 -10.76 25.09
N GLY B 133 -1.15 -11.01 24.35
CA GLY B 133 -1.02 -11.64 23.05
C GLY B 133 -0.21 -10.81 22.07
N PHE B 134 -0.55 -9.52 21.97
CA PHE B 134 0.15 -8.61 21.07
C PHE B 134 1.65 -8.58 21.44
N ARG B 135 1.94 -8.65 22.73
CA ARG B 135 3.33 -8.63 23.18
C ARG B 135 4.05 -9.86 22.65
N GLN B 136 3.41 -11.02 22.75
CA GLN B 136 3.97 -12.27 22.27
C GLN B 136 4.19 -12.24 20.75
N GLN B 137 3.27 -11.59 20.03
CA GLN B 137 3.39 -11.49 18.58
C GLN B 137 4.57 -10.58 18.19
N LEU B 138 4.74 -9.47 18.90
CA LEU B 138 5.84 -8.57 18.62
C LEU B 138 7.14 -9.31 18.84
N GLU B 139 7.16 -10.15 19.89
CA GLU B 139 8.32 -10.95 20.24
C GLU B 139 8.75 -11.84 19.07
N GLU B 140 7.81 -12.66 18.59
CA GLU B 140 8.04 -13.58 17.49
C GLU B 140 8.45 -12.87 16.19
N PHE B 141 7.76 -11.78 15.91
CA PHE B 141 8.00 -10.94 14.73
C PHE B 141 9.43 -10.42 14.66
N GLY B 142 9.96 -10.01 15.80
CA GLY B 142 11.31 -9.47 15.86
C GLY B 142 12.44 -10.46 15.66
N TRP B 143 12.12 -11.75 15.65
CA TRP B 143 13.15 -12.78 15.49
C TRP B 143 13.73 -12.75 14.08
N ALA B 144 12.89 -12.88 13.07
CA ALA B 144 13.34 -12.86 11.67
C ALA B 144 12.48 -11.98 10.76
N SER B 145 11.17 -12.11 10.86
CA SER B 145 10.24 -11.34 10.02
C SER B 145 10.58 -9.86 9.89
N SER B 146 10.80 -9.19 11.02
CA SER B 146 11.13 -7.78 11.04
C SER B 146 12.33 -7.45 10.13
N GLN B 147 13.37 -8.27 10.22
CA GLN B 147 14.55 -8.06 9.40
C GLN B 147 14.24 -8.24 7.92
N LYS B 148 13.50 -9.30 7.59
CA LYS B 148 13.15 -9.56 6.20
C LYS B 148 12.34 -8.40 5.63
N LEU B 149 11.30 -8.00 6.35
CA LEU B 149 10.44 -6.92 5.91
C LEU B 149 11.22 -5.66 5.58
N ARG B 150 12.27 -5.41 6.36
CA ARG B 150 13.09 -4.24 6.12
C ARG B 150 13.79 -4.35 4.77
N ARG B 151 14.12 -5.57 4.36
CA ARG B 151 14.77 -5.75 3.07
C ARG B 151 13.75 -5.56 1.97
N GLN B 152 12.50 -5.94 2.23
CA GLN B 152 11.43 -5.78 1.24
C GLN B 152 11.16 -4.29 1.03
N LEU B 153 11.21 -3.52 2.11
CA LEU B 153 10.98 -2.08 2.03
C LEU B 153 12.04 -1.41 1.17
N GLU B 154 13.26 -1.92 1.24
CA GLU B 154 14.38 -1.38 0.48
C GLU B 154 14.11 -1.57 -1.02
N GLU B 155 13.61 -2.75 -1.38
CA GLU B 155 13.31 -3.07 -2.78
C GLU B 155 12.05 -2.40 -3.33
N ARG B 156 11.14 -2.00 -2.44
CA ARG B 156 9.87 -1.42 -2.85
C ARG B 156 9.78 0.09 -3.05
N PHE B 157 10.41 0.87 -2.19
CA PHE B 157 10.32 2.32 -2.33
C PHE B 157 11.65 3.05 -2.49
N GLY B 158 11.56 4.27 -3.01
CA GLY B 158 12.75 5.09 -3.21
C GLY B 158 12.86 6.08 -2.06
N GLU B 159 13.88 5.87 -1.21
CA GLU B 159 14.07 6.73 -0.05
C GLU B 159 14.75 8.07 -0.29
N SER B 160 15.27 8.30 -1.50
CA SER B 160 15.95 9.56 -1.82
C SER B 160 14.95 10.67 -2.15
#